data_9GR8
#
_entry.id   9GR8
#
_cell.length_a   40.675
_cell.length_b   83.172
_cell.length_c   51.768
_cell.angle_alpha   90.00
_cell.angle_beta   94.32
_cell.angle_gamma   90.00
#
_symmetry.space_group_name_H-M   'P 1 21 1'
#
loop_
_entity.id
_entity.type
_entity.pdbx_description
1 polymer 'Inositol hexakisphosphate and diphosphoinositol-pentakisphosphate kinase'
2 non-polymer "ADENOSINE-5'-DIPHOSPHATE"
3 non-polymer 1,2-ETHANEDIOL
4 water water
#
_entity_poly.entity_id   1
_entity_poly.type   'polypeptide(L)'
_entity_poly.pdbx_seq_one_letter_code
;GAKVGKIGVCAMDAKVLSKPMRHILNRLIEHGEFETVIFGDKVILDERIENWPTCDFLISFFSSGFPLDKAIKYVKLRKP
FIINDLIMQKILWDRRLCLQVLEAYNVPTPPRLEISRDGGPRANEELRAKLREHGVEVKPVEEPEWKMVDDDTLEVDGKT
MTKPFVEKPVDGEDHNIYIYYHSKNGGGGRRLFRKVGNKSSEFDPTLVHPRTEGSYIYEQFMDTDNFEDVKAYTIGENFC
HAETRKSPVVDGIVRRNTHGKEVRYITELSDEEKTIAGKVSKAFSQMICGFDLLRVSGKSYVIDVNGFSFVKDNKAYYDS
CANILRSTFIEAKKKMD
;
_entity_poly.pdbx_strand_id   A
#
# COMPACT_ATOMS: atom_id res chain seq x y z
N GLY A 1 23.62 14.26 20.92
CA GLY A 1 22.65 14.51 21.97
C GLY A 1 22.59 13.38 23.00
N ALA A 2 21.81 13.61 24.07
CA ALA A 2 21.67 12.61 25.11
C ALA A 2 20.89 11.41 24.55
N LYS A 3 21.19 10.23 25.10
CA LYS A 3 20.55 9.01 24.64
C LYS A 3 19.05 9.09 24.87
N VAL A 4 18.29 8.84 23.81
CA VAL A 4 16.83 8.79 23.87
C VAL A 4 16.38 7.37 24.08
N GLY A 5 16.89 6.44 23.27
CA GLY A 5 16.56 5.04 23.50
C GLY A 5 16.97 4.16 22.34
N LYS A 6 16.41 2.94 22.38
CA LYS A 6 16.75 1.86 21.50
C LYS A 6 15.71 1.69 20.41
N ILE A 7 16.14 1.67 19.16
CA ILE A 7 15.27 1.46 18.01
C ILE A 7 15.47 0.03 17.56
N GLY A 8 14.45 -0.78 17.70
CA GLY A 8 14.48 -2.12 17.18
C GLY A 8 13.94 -2.14 15.77
N VAL A 9 14.52 -2.98 14.93
CA VAL A 9 14.08 -3.14 13.54
C VAL A 9 13.70 -4.61 13.33
N CYS A 10 12.43 -4.91 13.44
CA CYS A 10 11.94 -6.28 13.33
C CYS A 10 11.31 -6.45 11.96
N ALA A 11 12.13 -6.83 11.00
CA ALA A 11 11.76 -7.03 9.61
C ALA A 11 12.78 -7.98 9.01
N MET A 12 12.45 -8.59 7.87
CA MET A 12 13.40 -9.48 7.23
C MET A 12 14.67 -8.73 6.83
N ASP A 13 15.79 -9.46 6.89
CA ASP A 13 17.09 -8.86 6.60
C ASP A 13 17.12 -8.22 5.22
N ALA A 14 16.41 -8.79 4.23
CA ALA A 14 16.40 -8.18 2.90
C ALA A 14 15.96 -6.73 2.96
N LYS A 15 15.03 -6.40 3.83
CA LYS A 15 14.55 -5.04 4.01
C LYS A 15 15.38 -4.25 5.01
N VAL A 16 15.87 -4.87 6.07
CA VAL A 16 16.68 -4.15 7.04
C VAL A 16 17.97 -3.66 6.41
N LEU A 17 18.48 -4.40 5.44
CA LEU A 17 19.74 -4.07 4.77
C LEU A 17 19.54 -3.16 3.56
N SER A 18 18.35 -2.68 3.29
CA SER A 18 18.15 -1.78 2.16
C SER A 18 18.94 -0.50 2.36
N LYS A 19 19.28 0.15 1.23
CA LYS A 19 20.00 1.42 1.32
C LYS A 19 19.24 2.43 2.16
N PRO A 20 17.93 2.65 1.94
CA PRO A 20 17.28 3.66 2.77
C PRO A 20 17.30 3.31 4.24
N MET A 21 17.04 2.05 4.59
CA MET A 21 17.05 1.70 6.01
C MET A 21 18.42 1.93 6.63
N ARG A 22 19.48 1.56 5.93
CA ARG A 22 20.80 1.76 6.49
CA ARG A 22 20.81 1.75 6.48
C ARG A 22 21.13 3.24 6.64
N HIS A 23 20.80 4.04 5.65
CA HIS A 23 21.18 5.44 5.72
CA HIS A 23 21.14 5.46 5.65
C HIS A 23 20.32 6.23 6.71
N ILE A 24 19.07 5.84 6.89
CA ILE A 24 18.22 6.50 7.86
C ILE A 24 18.63 6.09 9.28
N LEU A 25 18.84 4.80 9.51
CA LEU A 25 19.31 4.37 10.84
C LEU A 25 20.66 5.01 11.17
N ASN A 26 21.55 5.15 10.17
CA ASN A 26 22.84 5.76 10.47
CA ASN A 26 22.85 5.76 10.43
C ASN A 26 22.66 7.18 10.98
N ARG A 27 21.74 7.94 10.36
CA ARG A 27 21.47 9.29 10.82
C ARG A 27 20.95 9.29 12.24
N LEU A 28 20.17 8.27 12.61
CA LEU A 28 19.61 8.23 13.95
C LEU A 28 20.63 7.82 15.02
N ILE A 29 21.66 7.08 14.66
CA ILE A 29 22.65 6.64 15.65
C ILE A 29 23.87 7.54 15.70
N GLU A 30 24.11 8.36 14.68
CA GLU A 30 25.44 8.94 14.54
C GLU A 30 25.73 10.04 15.53
N HIS A 31 24.72 10.64 16.17
CA HIS A 31 24.96 11.62 17.22
C HIS A 31 24.71 11.07 18.61
N GLY A 32 24.59 9.75 18.75
CA GLY A 32 24.48 9.15 20.06
C GLY A 32 23.09 9.18 20.65
N GLU A 33 22.08 9.65 19.91
CA GLU A 33 20.75 9.75 20.53
C GLU A 33 19.99 8.44 20.51
N PHE A 34 20.30 7.55 19.58
CA PHE A 34 19.63 6.26 19.50
C PHE A 34 20.65 5.15 19.31
N GLU A 35 20.26 3.94 19.71
CA GLU A 35 21.00 2.72 19.48
C GLU A 35 20.09 1.80 18.71
N THR A 36 20.60 1.07 17.73
CA THR A 36 19.78 0.10 17.01
CA THR A 36 19.84 0.09 16.96
C THR A 36 19.89 -1.27 17.64
N VAL A 37 18.78 -1.98 17.60
CA VAL A 37 18.67 -3.36 18.06
C VAL A 37 18.28 -4.18 16.85
N ILE A 38 19.18 -5.03 16.46
CA ILE A 38 19.06 -5.94 15.35
C ILE A 38 18.39 -7.21 15.79
N PHE A 39 17.45 -7.68 14.96
CA PHE A 39 16.78 -8.93 15.22
C PHE A 39 17.47 -10.03 14.44
N GLY A 40 17.36 -9.98 13.11
CA GLY A 40 17.98 -10.95 12.23
C GLY A 40 17.03 -12.09 11.88
N ASP A 41 17.19 -12.61 10.67
CA ASP A 41 16.25 -13.61 10.18
C ASP A 41 16.22 -14.85 11.05
N LYS A 42 17.37 -15.32 11.55
CA LYS A 42 17.36 -16.57 12.31
C LYS A 42 16.54 -16.42 13.58
N VAL A 43 16.69 -15.30 14.27
CA VAL A 43 15.93 -15.03 15.48
C VAL A 43 14.45 -14.90 15.15
N ILE A 44 14.12 -14.11 14.13
CA ILE A 44 12.72 -13.86 13.78
C ILE A 44 12.04 -15.17 13.44
N LEU A 45 12.69 -16.00 12.63
CA LEU A 45 12.06 -17.23 12.12
C LEU A 45 12.07 -18.34 13.15
N ASP A 46 13.17 -18.50 13.89
CA ASP A 46 13.39 -19.73 14.64
C ASP A 46 13.36 -19.58 16.16
N GLU A 47 13.46 -18.40 16.70
CA GLU A 47 13.47 -18.19 18.14
CA GLU A 47 13.48 -18.21 18.14
C GLU A 47 12.10 -17.80 18.63
N ARG A 48 11.81 -18.17 19.85
CA ARG A 48 10.53 -17.81 20.45
C ARG A 48 10.48 -16.32 20.74
N ILE A 49 9.26 -15.77 20.68
CA ILE A 49 9.12 -14.32 20.83
C ILE A 49 9.57 -13.81 22.19
N GLU A 50 9.49 -14.65 23.23
CA GLU A 50 9.92 -14.22 24.55
C GLU A 50 11.43 -14.06 24.60
N ASN A 51 12.15 -14.61 23.64
CA ASN A 51 13.59 -14.48 23.55
C ASN A 51 14.05 -13.47 22.51
N TRP A 52 13.15 -12.87 21.73
CA TRP A 52 13.56 -11.83 20.84
C TRP A 52 14.13 -10.67 21.66
N PRO A 53 15.10 -9.93 21.11
CA PRO A 53 15.62 -8.76 21.81
C PRO A 53 14.52 -7.73 21.95
N THR A 54 14.69 -6.82 22.90
CA THR A 54 13.72 -5.76 23.17
C THR A 54 14.34 -4.37 23.01
N CYS A 55 13.44 -3.40 22.90
CA CYS A 55 13.80 -2.04 22.54
C CYS A 55 12.74 -1.09 23.08
N ASP A 56 12.90 0.22 22.79
CA ASP A 56 11.93 1.25 23.17
C ASP A 56 10.98 1.59 22.04
N PHE A 57 11.52 1.70 20.83
CA PHE A 57 10.80 2.15 19.65
C PHE A 57 11.01 1.10 18.58
N LEU A 58 9.92 0.53 18.08
CA LEU A 58 10.02 -0.59 17.16
C LEU A 58 9.58 -0.21 15.75
N ILE A 59 10.43 -0.44 14.79
CA ILE A 59 10.07 -0.37 13.36
C ILE A 59 9.89 -1.80 12.87
N SER A 60 8.69 -2.17 12.43
CA SER A 60 8.40 -3.55 12.06
C SER A 60 7.34 -3.58 10.97
N PHE A 61 7.56 -4.42 9.99
CA PHE A 61 6.64 -4.50 8.85
C PHE A 61 6.84 -5.79 8.08
N PHE A 62 5.74 -6.21 7.43
CA PHE A 62 5.72 -7.40 6.62
C PHE A 62 6.43 -7.22 5.29
N SER A 63 7.14 -8.27 4.88
CA SER A 63 7.59 -8.53 3.53
C SER A 63 7.58 -10.05 3.40
N SER A 64 7.81 -10.56 2.21
CA SER A 64 7.75 -12.00 1.94
C SER A 64 8.58 -12.78 2.94
N GLY A 65 7.96 -13.78 3.57
CA GLY A 65 8.66 -14.61 4.53
C GLY A 65 8.56 -14.18 5.97
N PHE A 66 8.03 -12.99 6.24
CA PHE A 66 7.97 -12.44 7.60
C PHE A 66 6.83 -13.08 8.37
N PRO A 67 7.05 -13.57 9.59
CA PRO A 67 5.99 -14.24 10.35
C PRO A 67 5.18 -13.17 11.11
N LEU A 68 4.22 -12.58 10.37
CA LEU A 68 3.51 -11.42 10.91
C LEU A 68 2.77 -11.74 12.20
N ASP A 69 2.07 -12.89 12.25
CA ASP A 69 1.32 -13.23 13.46
C ASP A 69 2.25 -13.36 14.66
N LYS A 70 3.44 -13.92 14.44
CA LYS A 70 4.42 -14.04 15.50
C LYS A 70 4.88 -12.66 15.98
N ALA A 71 5.14 -11.74 15.04
CA ALA A 71 5.52 -10.37 15.44
C ALA A 71 4.41 -9.64 16.20
N ILE A 72 3.14 -9.88 15.81
CA ILE A 72 2.01 -9.29 16.54
C ILE A 72 2.03 -9.78 17.99
N LYS A 73 2.26 -11.10 18.19
CA LYS A 73 2.32 -11.64 19.55
C LYS A 73 3.48 -11.02 20.34
N TYR A 74 4.63 -10.78 19.68
CA TYR A 74 5.76 -10.11 20.33
C TYR A 74 5.37 -8.73 20.79
N VAL A 75 4.71 -7.97 19.90
CA VAL A 75 4.33 -6.63 20.30
C VAL A 75 3.32 -6.64 21.45
N LYS A 76 2.37 -7.58 21.43
CA LYS A 76 1.41 -7.69 22.52
C LYS A 76 2.13 -7.96 23.84
N LEU A 77 3.17 -8.82 23.80
CA LEU A 77 3.90 -9.18 25.02
C LEU A 77 4.76 -8.02 25.50
N ARG A 78 5.52 -7.39 24.59
CA ARG A 78 6.57 -6.47 24.99
C ARG A 78 6.18 -4.99 24.91
N LYS A 79 5.15 -4.69 24.15
CA LYS A 79 4.60 -3.34 24.02
C LYS A 79 5.59 -2.20 23.81
N PRO A 80 6.52 -2.32 22.86
CA PRO A 80 7.29 -1.14 22.46
C PRO A 80 6.38 -0.15 21.77
N PHE A 81 6.88 1.07 21.62
CA PHE A 81 6.19 2.06 20.80
C PHE A 81 6.30 1.66 19.36
N ILE A 82 5.18 1.70 18.64
N ILE A 82 5.18 1.71 18.64
CA ILE A 82 5.24 1.33 17.24
CA ILE A 82 5.21 1.32 17.23
C ILE A 82 4.75 2.48 16.36
C ILE A 82 4.73 2.47 16.35
N ILE A 83 5.26 2.52 15.15
CA ILE A 83 4.87 3.53 14.16
C ILE A 83 3.98 2.99 13.05
N ASN A 84 4.03 1.69 12.76
CA ASN A 84 3.22 1.08 11.71
C ASN A 84 2.48 -0.08 12.38
N ASP A 85 1.17 0.03 12.52
CA ASP A 85 0.38 -1.02 13.18
C ASP A 85 0.53 -2.33 12.40
N LEU A 86 0.86 -3.41 13.11
CA LEU A 86 1.12 -4.68 12.46
C LEU A 86 -0.18 -5.36 12.01
N ILE A 87 -1.21 -5.32 12.87
CA ILE A 87 -2.47 -6.02 12.54
C ILE A 87 -3.09 -5.42 11.26
N MET A 88 -2.97 -4.10 11.12
CA MET A 88 -3.52 -3.46 9.94
C MET A 88 -2.79 -3.87 8.68
N GLN A 89 -1.54 -4.30 8.79
CA GLN A 89 -0.83 -4.76 7.60
C GLN A 89 -1.49 -5.95 6.95
N LYS A 90 -2.29 -6.72 7.70
CA LYS A 90 -3.00 -7.82 7.09
C LYS A 90 -4.02 -7.37 6.06
N ILE A 91 -4.57 -6.19 6.23
CA ILE A 91 -5.63 -5.81 5.31
C ILE A 91 -5.09 -5.46 3.94
N LEU A 92 -3.79 -5.16 3.86
CA LEU A 92 -3.16 -4.84 2.58
C LEU A 92 -3.24 -6.00 1.62
N TRP A 93 -3.53 -7.20 2.12
CA TRP A 93 -3.65 -8.40 1.34
C TRP A 93 -5.00 -8.56 0.69
N ASP A 94 -6.01 -7.79 1.08
CA ASP A 94 -7.35 -7.91 0.53
C ASP A 94 -7.83 -6.54 0.06
N ARG A 95 -7.90 -6.36 -1.26
CA ARG A 95 -8.29 -5.07 -1.81
CA ARG A 95 -8.28 -5.08 -1.81
C ARG A 95 -9.64 -4.61 -1.29
N ARG A 96 -10.55 -5.54 -1.00
CA ARG A 96 -11.86 -5.12 -0.50
C ARG A 96 -11.75 -4.42 0.85
N LEU A 97 -10.94 -4.96 1.76
CA LEU A 97 -10.79 -4.35 3.06
C LEU A 97 -10.07 -3.01 2.93
N CYS A 98 -9.05 -2.92 2.06
CA CYS A 98 -8.37 -1.66 1.87
CA CYS A 98 -8.35 -1.67 1.83
C CYS A 98 -9.32 -0.58 1.40
N LEU A 99 -10.22 -0.92 0.47
CA LEU A 99 -11.18 0.04 -0.03
C LEU A 99 -12.20 0.42 1.05
N GLN A 100 -12.61 -0.54 1.88
CA GLN A 100 -13.50 -0.20 2.99
C GLN A 100 -12.82 0.80 3.93
N VAL A 101 -11.52 0.62 4.22
CA VAL A 101 -10.86 1.55 5.12
C VAL A 101 -10.69 2.93 4.48
N LEU A 102 -10.31 2.98 3.21
CA LEU A 102 -10.22 4.27 2.53
C LEU A 102 -11.55 5.02 2.58
N GLU A 103 -12.65 4.31 2.29
CA GLU A 103 -13.94 4.99 2.31
CA GLU A 103 -13.97 4.92 2.32
C GLU A 103 -14.29 5.45 3.72
N ALA A 104 -13.94 4.67 4.76
CA ALA A 104 -14.27 5.08 6.11
C ALA A 104 -13.56 6.34 6.53
N TYR A 105 -12.43 6.68 5.86
CA TYR A 105 -11.66 7.86 6.16
C TYR A 105 -11.83 8.95 5.09
N ASN A 106 -12.86 8.79 4.23
CA ASN A 106 -13.17 9.84 3.24
C ASN A 106 -12.04 10.09 2.26
N VAL A 107 -11.35 9.03 1.86
CA VAL A 107 -10.33 9.09 0.82
C VAL A 107 -10.97 8.72 -0.50
N PRO A 108 -10.86 9.56 -1.53
CA PRO A 108 -11.54 9.26 -2.80
C PRO A 108 -10.92 8.05 -3.49
N THR A 109 -11.77 7.23 -4.08
CA THR A 109 -11.38 6.05 -4.84
C THR A 109 -12.20 6.01 -6.11
N PRO A 110 -11.78 5.29 -7.14
CA PRO A 110 -12.58 5.26 -8.40
C PRO A 110 -13.91 4.57 -8.19
N PRO A 111 -14.92 4.88 -9.00
CA PRO A 111 -16.14 4.07 -9.02
C PRO A 111 -15.83 2.59 -9.17
N ARG A 112 -16.61 1.75 -8.49
CA ARG A 112 -16.36 0.32 -8.58
C ARG A 112 -17.61 -0.52 -8.42
N LEU A 113 -17.50 -1.74 -8.91
CA LEU A 113 -18.38 -2.86 -8.59
C LEU A 113 -17.49 -4.01 -8.10
N GLU A 114 -18.10 -5.01 -7.47
CA GLU A 114 -17.34 -6.14 -6.93
C GLU A 114 -18.07 -7.43 -7.21
N ILE A 115 -17.34 -8.48 -7.59
CA ILE A 115 -17.91 -9.83 -7.73
C ILE A 115 -17.07 -10.75 -6.87
N SER A 116 -17.57 -11.05 -5.67
CA SER A 116 -16.87 -11.93 -4.75
C SER A 116 -17.47 -13.32 -4.80
N ARG A 117 -16.63 -14.34 -5.03
CA ARG A 117 -17.05 -15.74 -5.05
C ARG A 117 -16.50 -16.58 -3.90
N ASP A 118 -15.80 -15.94 -2.97
CA ASP A 118 -15.10 -16.63 -1.89
C ASP A 118 -15.81 -16.49 -0.55
N GLY A 119 -16.99 -15.90 -0.52
CA GLY A 119 -17.71 -15.64 0.70
C GLY A 119 -17.38 -14.33 1.39
N GLY A 120 -16.47 -13.52 0.84
CA GLY A 120 -16.06 -12.27 1.45
C GLY A 120 -14.72 -12.41 2.15
N PRO A 121 -14.18 -11.27 2.63
CA PRO A 121 -12.89 -11.31 3.32
C PRO A 121 -12.98 -12.09 4.60
N ARG A 122 -11.87 -12.71 4.97
CA ARG A 122 -11.79 -13.43 6.23
C ARG A 122 -11.01 -12.60 7.23
N ALA A 123 -11.39 -12.73 8.49
CA ALA A 123 -10.73 -11.98 9.56
C ALA A 123 -11.00 -12.70 10.88
N ASN A 124 -9.94 -12.90 11.65
CA ASN A 124 -10.12 -13.34 13.04
C ASN A 124 -10.59 -12.19 13.92
N GLU A 125 -10.92 -12.52 15.17
CA GLU A 125 -11.50 -11.53 16.05
C GLU A 125 -10.54 -10.39 16.32
N GLU A 126 -9.24 -10.68 16.41
CA GLU A 126 -8.28 -9.61 16.61
C GLU A 126 -8.30 -8.61 15.45
N LEU A 127 -8.37 -9.11 14.23
CA LEU A 127 -8.42 -8.23 13.07
C LEU A 127 -9.75 -7.52 13.00
N ARG A 128 -10.85 -8.20 13.32
CA ARG A 128 -12.15 -7.54 13.34
C ARG A 128 -12.18 -6.39 14.35
N ALA A 129 -11.62 -6.59 15.55
CA ALA A 129 -11.63 -5.56 16.56
C ALA A 129 -10.79 -4.37 16.11
N LYS A 130 -9.63 -4.64 15.50
CA LYS A 130 -8.81 -3.55 14.96
C LYS A 130 -9.55 -2.77 13.90
N LEU A 131 -10.23 -3.49 12.99
CA LEU A 131 -10.99 -2.81 11.95
C LEU A 131 -12.13 -2.00 12.52
N ARG A 132 -12.78 -2.47 13.58
CA ARG A 132 -13.84 -1.66 14.16
C ARG A 132 -13.29 -0.32 14.64
N GLU A 133 -12.05 -0.29 15.14
CA GLU A 133 -11.45 0.97 15.56
C GLU A 133 -11.22 1.90 14.37
N HIS A 134 -11.22 1.34 13.18
CA HIS A 134 -11.03 2.08 11.92
CA HIS A 134 -11.06 2.12 11.94
C HIS A 134 -12.35 2.20 11.14
N GLY A 135 -13.48 1.97 11.78
CA GLY A 135 -14.76 2.22 11.15
C GLY A 135 -15.21 1.20 10.15
N VAL A 136 -14.72 -0.02 10.27
CA VAL A 136 -14.99 -1.04 9.27
C VAL A 136 -15.52 -2.30 9.93
N GLU A 137 -16.62 -2.81 9.40
CA GLU A 137 -17.19 -4.11 9.74
C GLU A 137 -16.87 -5.10 8.62
N VAL A 138 -16.40 -6.28 8.98
CA VAL A 138 -16.15 -7.36 8.04
C VAL A 138 -17.42 -8.17 7.95
N LYS A 139 -17.93 -8.31 6.74
CA LYS A 139 -19.24 -8.89 6.48
C LYS A 139 -19.12 -10.07 5.51
N PRO A 140 -19.82 -11.16 5.76
CA PRO A 140 -19.92 -12.20 4.73
C PRO A 140 -20.72 -11.69 3.54
N VAL A 141 -20.33 -12.12 2.35
CA VAL A 141 -21.12 -11.75 1.18
C VAL A 141 -21.23 -12.93 0.23
N GLU A 142 -22.39 -13.04 -0.36
CA GLU A 142 -22.65 -14.07 -1.36
C GLU A 142 -22.26 -13.55 -2.73
N GLU A 143 -22.09 -14.47 -3.66
CA GLU A 143 -21.84 -14.08 -5.04
C GLU A 143 -23.03 -13.27 -5.52
N PRO A 144 -22.82 -12.11 -6.11
CA PRO A 144 -23.96 -11.32 -6.61
C PRO A 144 -24.50 -11.89 -7.92
N GLU A 145 -25.71 -11.43 -8.26
CA GLU A 145 -26.22 -11.56 -9.63
C GLU A 145 -25.41 -10.63 -10.52
N TRP A 146 -24.98 -11.12 -11.67
CA TRP A 146 -24.23 -10.29 -12.62
C TRP A 146 -24.34 -10.83 -14.04
N LYS A 147 -24.14 -9.92 -14.98
CA LYS A 147 -24.09 -10.29 -16.39
C LYS A 147 -23.48 -9.13 -17.16
N MET A 148 -23.02 -9.44 -18.35
CA MET A 148 -22.69 -8.42 -19.35
C MET A 148 -24.00 -8.12 -20.09
N VAL A 149 -24.56 -6.94 -19.84
CA VAL A 149 -25.76 -6.50 -20.55
C VAL A 149 -25.52 -6.41 -22.05
N ASP A 150 -24.36 -5.89 -22.45
CA ASP A 150 -23.86 -5.89 -23.82
C ASP A 150 -22.33 -5.96 -23.70
N ASP A 151 -21.62 -5.89 -24.82
CA ASP A 151 -20.17 -6.09 -24.75
C ASP A 151 -19.46 -5.00 -23.93
N ASP A 152 -20.13 -3.87 -23.71
CA ASP A 152 -19.52 -2.72 -23.07
C ASP A 152 -20.03 -2.44 -21.66
N THR A 153 -20.95 -3.26 -21.14
CA THR A 153 -21.66 -2.88 -19.92
C THR A 153 -21.77 -4.08 -19.00
N LEU A 154 -21.19 -3.95 -17.81
CA LEU A 154 -21.30 -4.96 -16.76
C LEU A 154 -22.40 -4.54 -15.79
N GLU A 155 -23.22 -5.49 -15.36
CA GLU A 155 -24.23 -5.25 -14.33
C GLU A 155 -23.98 -6.20 -13.17
N VAL A 156 -23.97 -5.66 -11.96
CA VAL A 156 -23.83 -6.44 -10.74
C VAL A 156 -24.95 -6.03 -9.79
N ASP A 157 -25.83 -6.98 -9.45
CA ASP A 157 -26.96 -6.72 -8.57
C ASP A 157 -27.70 -5.45 -8.98
N GLY A 158 -27.85 -5.25 -10.27
CA GLY A 158 -28.65 -4.16 -10.78
C GLY A 158 -27.91 -2.86 -11.03
N LYS A 159 -26.66 -2.74 -10.56
CA LYS A 159 -25.85 -1.55 -10.81
C LYS A 159 -24.96 -1.82 -12.01
N THR A 160 -24.77 -0.82 -12.87
CA THR A 160 -23.96 -1.06 -14.06
C THR A 160 -22.68 -0.23 -14.08
N MET A 161 -21.71 -0.73 -14.84
CA MET A 161 -20.50 0.01 -15.13
CA MET A 161 -20.47 -0.02 -15.11
C MET A 161 -20.17 -0.20 -16.59
N THR A 162 -19.91 0.91 -17.30
CA THR A 162 -19.56 0.87 -18.70
C THR A 162 -18.04 0.87 -18.85
N LYS A 163 -17.57 0.11 -19.81
CA LYS A 163 -16.15 0.13 -20.17
C LYS A 163 -15.71 1.52 -20.59
N PRO A 164 -14.43 1.84 -20.42
CA PRO A 164 -13.35 0.93 -19.97
C PRO A 164 -13.36 0.71 -18.46
N PHE A 165 -12.99 -0.49 -18.05
CA PHE A 165 -12.88 -0.84 -16.64
C PHE A 165 -11.72 -1.77 -16.41
N VAL A 166 -11.32 -1.86 -15.13
CA VAL A 166 -10.12 -2.53 -14.68
C VAL A 166 -10.57 -3.61 -13.69
N GLU A 167 -10.20 -4.84 -13.97
CA GLU A 167 -10.59 -6.02 -13.17
C GLU A 167 -9.38 -6.46 -12.35
N LYS A 168 -9.49 -6.34 -11.03
CA LYS A 168 -8.39 -6.65 -10.15
C LYS A 168 -8.74 -7.81 -9.22
N PRO A 169 -7.88 -8.82 -9.09
CA PRO A 169 -8.12 -9.87 -8.08
C PRO A 169 -8.20 -9.24 -6.70
N VAL A 170 -9.05 -9.79 -5.83
CA VAL A 170 -9.12 -9.26 -4.48
C VAL A 170 -7.81 -9.47 -3.69
N ASP A 171 -7.00 -10.45 -4.06
CA ASP A 171 -5.69 -10.64 -3.43
C ASP A 171 -4.78 -9.49 -3.83
N GLY A 172 -4.38 -8.68 -2.83
CA GLY A 172 -3.59 -7.49 -3.06
C GLY A 172 -2.21 -7.77 -3.60
N GLU A 173 -1.74 -9.02 -3.49
CA GLU A 173 -0.44 -9.41 -4.04
C GLU A 173 -0.53 -10.06 -5.42
N ASP A 174 -1.74 -10.22 -5.97
CA ASP A 174 -1.94 -10.73 -7.32
C ASP A 174 -2.03 -9.53 -8.27
N HIS A 175 -1.05 -9.38 -9.16
CA HIS A 175 -1.03 -8.25 -10.09
C HIS A 175 -1.48 -8.64 -11.49
N ASN A 176 -2.22 -9.75 -11.61
CA ASN A 176 -2.85 -10.16 -12.85
C ASN A 176 -4.14 -9.35 -13.01
N ILE A 177 -3.96 -8.13 -13.43
CA ILE A 177 -5.03 -7.16 -13.57
C ILE A 177 -5.36 -7.05 -15.05
N TYR A 178 -6.64 -7.08 -15.39
CA TYR A 178 -7.07 -7.03 -16.78
C TYR A 178 -7.77 -5.70 -17.03
N ILE A 179 -7.48 -5.11 -18.18
CA ILE A 179 -8.12 -3.88 -18.62
C ILE A 179 -9.05 -4.24 -19.78
N TYR A 180 -10.30 -3.76 -19.75
CA TYR A 180 -11.30 -4.04 -20.78
C TYR A 180 -11.69 -2.71 -21.44
N TYR A 181 -11.37 -2.58 -22.71
CA TYR A 181 -11.61 -1.35 -23.44
C TYR A 181 -13.01 -1.35 -24.04
N HIS A 182 -13.56 -0.15 -24.20
CA HIS A 182 -14.84 0.01 -24.86
C HIS A 182 -14.72 -0.29 -26.37
N SER A 183 -15.75 -0.92 -26.91
CA SER A 183 -15.76 -1.28 -28.33
C SER A 183 -15.50 -0.09 -29.25
N LYS A 184 -15.94 1.12 -28.86
CA LYS A 184 -15.75 2.30 -29.70
CA LYS A 184 -15.76 2.31 -29.69
C LYS A 184 -14.37 2.92 -29.57
N ASN A 185 -13.55 2.41 -28.68
CA ASN A 185 -12.13 2.69 -28.64
CA ASN A 185 -12.13 2.69 -28.63
C ASN A 185 -11.32 1.47 -29.08
N GLY A 186 -11.88 0.66 -29.94
CA GLY A 186 -11.16 -0.50 -30.46
C GLY A 186 -11.45 -1.80 -29.76
N GLY A 187 -12.10 -1.77 -28.60
CA GLY A 187 -12.48 -2.99 -27.92
C GLY A 187 -11.28 -3.82 -27.49
N GLY A 188 -11.56 -5.09 -27.25
CA GLY A 188 -10.55 -5.95 -26.70
C GLY A 188 -10.13 -5.46 -25.31
N GLY A 189 -8.98 -5.98 -24.87
CA GLY A 189 -8.49 -5.71 -23.53
C GLY A 189 -7.00 -5.98 -23.46
N ARG A 190 -6.46 -5.81 -22.26
CA ARG A 190 -5.04 -5.98 -22.03
C ARG A 190 -4.87 -6.69 -20.70
N ARG A 191 -4.08 -7.75 -20.70
CA ARG A 191 -3.72 -8.45 -19.47
C ARG A 191 -2.37 -7.90 -18.99
N LEU A 192 -2.35 -7.35 -17.79
CA LEU A 192 -1.12 -6.94 -17.15
C LEU A 192 -0.62 -8.09 -16.28
N PHE A 193 0.69 -8.22 -16.18
CA PHE A 193 1.26 -9.25 -15.34
C PHE A 193 2.63 -8.79 -14.89
N ARG A 194 3.21 -9.57 -13.97
CA ARG A 194 4.52 -9.32 -13.40
C ARG A 194 5.35 -10.60 -13.44
N LYS A 195 6.62 -10.47 -13.80
CA LYS A 195 7.57 -11.58 -13.83
C LYS A 195 8.73 -11.21 -12.92
N VAL A 196 8.68 -11.68 -11.68
CA VAL A 196 9.73 -11.40 -10.70
C VAL A 196 9.93 -9.89 -10.58
N GLY A 197 8.83 -9.16 -10.36
CA GLY A 197 8.88 -7.72 -10.24
C GLY A 197 8.88 -6.96 -11.55
N ASN A 198 9.07 -7.64 -12.66
CA ASN A 198 9.14 -7.01 -13.97
C ASN A 198 7.75 -6.98 -14.58
N LYS A 199 7.27 -5.77 -14.89
CA LYS A 199 5.94 -5.56 -15.40
C LYS A 199 5.89 -5.73 -16.91
N SER A 200 4.78 -6.32 -17.38
CA SER A 200 4.53 -6.49 -18.81
C SER A 200 3.02 -6.50 -19.03
N SER A 201 2.62 -6.50 -20.30
CA SER A 201 1.22 -6.58 -20.66
C SER A 201 1.09 -7.10 -22.08
N GLU A 202 -0.12 -7.54 -22.43
CA GLU A 202 -0.41 -8.06 -23.76
C GLU A 202 -1.83 -7.68 -24.15
N PHE A 203 -1.97 -7.11 -25.35
CA PHE A 203 -3.28 -6.75 -25.90
C PHE A 203 -3.94 -7.96 -26.56
N ASP A 204 -5.23 -8.14 -26.32
CA ASP A 204 -6.01 -9.25 -26.88
C ASP A 204 -7.30 -8.69 -27.45
N PRO A 205 -7.47 -8.69 -28.76
CA PRO A 205 -8.70 -8.09 -29.32
C PRO A 205 -9.96 -8.81 -28.91
N THR A 206 -9.87 -10.03 -28.38
CA THR A 206 -11.03 -10.85 -28.03
C THR A 206 -11.38 -10.81 -26.55
N LEU A 207 -10.63 -10.09 -25.71
CA LEU A 207 -10.89 -10.05 -24.28
C LEU A 207 -12.06 -9.11 -24.06
N VAL A 208 -13.22 -9.67 -23.72
CA VAL A 208 -14.46 -8.94 -23.64
C VAL A 208 -15.28 -9.21 -22.39
N HIS A 209 -15.31 -10.47 -21.93
CA HIS A 209 -16.12 -10.80 -20.77
CA HIS A 209 -16.13 -10.78 -20.77
C HIS A 209 -15.24 -11.03 -19.54
N PRO A 210 -15.75 -10.72 -18.34
CA PRO A 210 -14.96 -10.90 -17.12
C PRO A 210 -14.54 -12.33 -16.87
N ARG A 211 -13.52 -12.48 -16.05
CA ARG A 211 -13.13 -13.80 -15.57
C ARG A 211 -14.26 -14.42 -14.75
N THR A 212 -14.44 -15.72 -14.90
CA THR A 212 -15.58 -16.41 -14.31
C THR A 212 -15.22 -17.22 -13.08
N GLU A 213 -13.94 -17.35 -12.78
CA GLU A 213 -13.47 -17.93 -11.53
CA GLU A 213 -13.47 -17.94 -11.54
C GLU A 213 -12.60 -16.91 -10.83
N GLY A 214 -12.70 -16.88 -9.51
CA GLY A 214 -11.98 -15.94 -8.68
C GLY A 214 -12.91 -14.86 -8.14
N SER A 215 -12.31 -13.91 -7.44
CA SER A 215 -13.05 -12.79 -6.86
C SER A 215 -12.37 -11.50 -7.27
N TYR A 216 -13.16 -10.52 -7.72
CA TYR A 216 -12.58 -9.34 -8.34
C TYR A 216 -13.28 -8.05 -7.93
N ILE A 217 -12.50 -6.97 -8.03
CA ILE A 217 -12.95 -5.59 -8.02
C ILE A 217 -12.97 -5.12 -9.48
N TYR A 218 -14.02 -4.39 -9.88
CA TYR A 218 -14.12 -3.74 -11.19
C TYR A 218 -14.10 -2.23 -10.95
N GLU A 219 -13.02 -1.56 -11.33
CA GLU A 219 -12.95 -0.12 -11.15
C GLU A 219 -13.07 0.57 -12.49
N GLN A 220 -13.77 1.70 -12.51
CA GLN A 220 -13.79 2.52 -13.71
CA GLN A 220 -13.78 2.53 -13.70
C GLN A 220 -12.35 2.86 -14.10
N PHE A 221 -12.05 2.69 -15.38
CA PHE A 221 -10.75 3.05 -15.91
C PHE A 221 -10.69 4.57 -15.93
N MET A 222 -9.75 5.14 -15.21
CA MET A 222 -9.61 6.59 -15.13
C MET A 222 -8.62 7.05 -16.19
N ASP A 223 -8.99 8.13 -16.88
CA ASP A 223 -8.13 8.75 -17.90
C ASP A 223 -7.18 9.71 -17.19
N THR A 224 -5.96 9.26 -16.94
CA THR A 224 -5.09 10.00 -16.03
C THR A 224 -4.25 11.02 -16.77
N ASP A 225 -3.89 12.07 -16.05
CA ASP A 225 -3.08 13.11 -16.66
C ASP A 225 -1.76 12.51 -17.15
N ASN A 226 -1.41 12.81 -18.39
CA ASN A 226 -0.20 12.33 -19.04
C ASN A 226 -0.06 10.81 -19.06
N PHE A 227 -1.17 10.09 -18.88
CA PHE A 227 -1.15 8.62 -18.81
C PHE A 227 -0.19 8.15 -17.72
N GLU A 228 -0.12 8.88 -16.61
CA GLU A 228 0.79 8.56 -15.52
C GLU A 228 0.02 8.14 -14.27
N ASP A 229 0.76 7.54 -13.38
CA ASP A 229 0.32 7.23 -12.03
CA ASP A 229 0.36 7.19 -12.03
C ASP A 229 1.24 8.00 -11.08
N VAL A 230 0.74 8.37 -9.92
CA VAL A 230 1.54 9.02 -8.88
C VAL A 230 1.85 8.02 -7.79
N LYS A 231 3.13 7.81 -7.49
CA LYS A 231 3.57 7.05 -6.34
C LYS A 231 3.86 8.03 -5.22
N ALA A 232 3.16 7.85 -4.09
CA ALA A 232 3.28 8.72 -2.95
C ALA A 232 3.85 7.98 -1.75
N TYR A 233 4.57 8.72 -0.93
CA TYR A 233 5.35 8.17 0.19
C TYR A 233 5.18 9.06 1.41
N THR A 234 4.51 8.55 2.46
CA THR A 234 4.25 9.35 3.64
C THR A 234 5.29 9.10 4.72
N ILE A 235 5.48 10.11 5.55
CA ILE A 235 6.18 9.96 6.85
C ILE A 235 5.31 10.69 7.85
N GLY A 236 4.34 9.99 8.40
CA GLY A 236 3.32 10.60 9.19
C GLY A 236 2.34 11.37 8.35
N GLU A 237 1.50 12.16 9.03
CA GLU A 237 0.38 12.84 8.41
C GLU A 237 0.76 14.18 7.80
N ASN A 238 1.99 14.66 8.00
CA ASN A 238 2.38 16.00 7.55
C ASN A 238 3.63 16.00 6.68
N PHE A 239 3.94 14.87 6.05
CA PHE A 239 5.05 14.77 5.10
C PHE A 239 4.66 13.79 4.02
N CYS A 240 4.85 14.18 2.76
CA CYS A 240 4.67 13.23 1.67
CA CYS A 240 4.63 13.26 1.65
C CYS A 240 5.53 13.63 0.48
N HIS A 241 6.22 12.66 -0.06
CA HIS A 241 7.00 12.82 -1.28
C HIS A 241 6.28 12.10 -2.39
N ALA A 242 6.35 12.60 -3.61
CA ALA A 242 5.62 11.95 -4.71
C ALA A 242 6.39 11.98 -6.01
N GLU A 243 6.20 10.95 -6.84
CA GLU A 243 6.82 10.81 -8.14
C GLU A 243 5.81 10.28 -9.13
N THR A 244 5.88 10.72 -10.34
CA THR A 244 5.07 10.15 -11.43
C THR A 244 5.81 9.05 -12.17
N ARG A 245 5.02 8.11 -12.73
CA ARG A 245 5.53 7.11 -13.65
C ARG A 245 4.49 6.89 -14.73
N LYS A 246 4.95 6.52 -15.91
CA LYS A 246 4.05 6.20 -17.02
C LYS A 246 3.32 4.90 -16.74
N SER A 247 2.01 4.94 -16.87
CA SER A 247 1.18 3.76 -16.71
C SER A 247 1.05 3.02 -18.04
N PRO A 248 1.08 1.69 -18.02
CA PRO A 248 0.86 0.91 -19.26
C PRO A 248 -0.61 0.68 -19.60
N VAL A 249 -1.56 1.23 -18.86
CA VAL A 249 -2.93 0.74 -19.03
C VAL A 249 -3.52 1.07 -20.38
N VAL A 250 -3.10 2.18 -21.01
CA VAL A 250 -3.67 2.56 -22.30
C VAL A 250 -3.00 1.82 -23.44
N ASP A 251 -1.67 1.77 -23.44
CA ASP A 251 -0.93 1.36 -24.62
C ASP A 251 0.07 0.24 -24.36
N GLY A 252 0.12 -0.29 -23.15
CA GLY A 252 1.06 -1.35 -22.84
C GLY A 252 2.49 -0.90 -22.63
N ILE A 253 2.77 0.40 -22.71
CA ILE A 253 4.14 0.89 -22.67
C ILE A 253 4.53 1.27 -21.25
N VAL A 254 5.59 0.62 -20.75
CA VAL A 254 6.30 1.04 -19.54
C VAL A 254 7.60 1.71 -19.97
N ARG A 255 8.00 2.76 -19.25
CA ARG A 255 9.24 3.48 -19.55
C ARG A 255 10.30 3.06 -18.55
N ARG A 256 11.42 2.55 -19.05
CA ARG A 256 12.53 2.16 -18.20
C ARG A 256 13.82 2.84 -18.66
N ASN A 257 14.71 3.08 -17.71
CA ASN A 257 16.04 3.61 -18.01
C ASN A 257 16.94 2.46 -18.50
N THR A 258 18.20 2.80 -18.80
CA THR A 258 19.09 1.81 -19.41
C THR A 258 19.38 0.67 -18.43
N HIS A 259 19.29 0.95 -17.14
CA HIS A 259 19.49 -0.07 -16.11
C HIS A 259 18.25 -0.92 -15.87
N GLY A 260 17.17 -0.71 -16.62
CA GLY A 260 15.97 -1.50 -16.45
C GLY A 260 15.05 -1.02 -15.36
N LYS A 261 15.29 0.13 -14.76
CA LYS A 261 14.46 0.62 -13.69
C LYS A 261 13.39 1.54 -14.25
N GLU A 262 12.20 1.47 -13.67
CA GLU A 262 11.13 2.32 -14.15
C GLU A 262 11.51 3.79 -14.01
N VAL A 263 11.27 4.55 -15.06
CA VAL A 263 11.55 5.99 -15.02
C VAL A 263 10.52 6.67 -14.12
N ARG A 264 10.99 7.58 -13.29
CA ARG A 264 10.10 8.31 -12.39
C ARG A 264 10.52 9.78 -12.36
N TYR A 265 9.55 10.67 -12.19
CA TYR A 265 9.79 12.09 -12.11
C TYR A 265 9.22 12.66 -10.82
N ILE A 266 10.03 13.37 -10.04
CA ILE A 266 9.50 14.00 -8.84
C ILE A 266 8.45 15.01 -9.24
N THR A 267 7.34 15.05 -8.50
CA THR A 267 6.24 15.95 -8.76
C THR A 267 5.83 16.63 -7.49
N GLU A 268 5.27 17.82 -7.59
CA GLU A 268 4.73 18.59 -6.48
C GLU A 268 3.28 18.14 -6.21
N LEU A 269 2.95 17.97 -4.95
CA LEU A 269 1.57 17.66 -4.55
C LEU A 269 0.79 18.93 -4.26
N SER A 270 -0.48 18.91 -4.65
CA SER A 270 -1.39 19.96 -4.26
C SER A 270 -1.72 19.83 -2.76
N ASP A 271 -2.31 20.88 -2.18
CA ASP A 271 -2.73 20.80 -0.78
C ASP A 271 -3.75 19.67 -0.61
N GLU A 272 -4.65 19.51 -1.58
CA GLU A 272 -5.63 18.44 -1.48
CA GLU A 272 -5.64 18.43 -1.48
C GLU A 272 -4.97 17.07 -1.45
N GLU A 273 -3.93 16.89 -2.29
CA GLU A 273 -3.21 15.62 -2.31
C GLU A 273 -2.42 15.40 -1.04
N LYS A 274 -1.90 16.46 -0.44
CA LYS A 274 -1.22 16.31 0.84
C LYS A 274 -2.21 15.88 1.91
N THR A 275 -3.41 16.44 1.89
CA THR A 275 -4.45 16.03 2.83
C THR A 275 -4.80 14.55 2.63
N ILE A 276 -4.95 14.12 1.38
CA ILE A 276 -5.21 12.70 1.11
C ILE A 276 -4.10 11.83 1.69
N ALA A 277 -2.83 12.23 1.45
CA ALA A 277 -1.71 11.44 1.97
C ALA A 277 -1.78 11.27 3.49
N GLY A 278 -2.05 12.34 4.22
CA GLY A 278 -2.19 12.25 5.67
C GLY A 278 -3.32 11.32 6.06
N LYS A 279 -4.44 11.39 5.35
CA LYS A 279 -5.58 10.50 5.61
C LYS A 279 -5.21 9.04 5.38
N VAL A 280 -4.44 8.71 4.34
CA VAL A 280 -4.05 7.33 4.08
C VAL A 280 -3.19 6.80 5.22
N SER A 281 -2.22 7.60 5.65
CA SER A 281 -1.36 7.20 6.75
C SER A 281 -2.18 6.93 8.01
N LYS A 282 -3.10 7.85 8.33
CA LYS A 282 -3.95 7.71 9.50
C LYS A 282 -4.88 6.51 9.38
N ALA A 283 -5.53 6.39 8.23
CA ALA A 283 -6.56 5.36 8.05
C ALA A 283 -6.00 3.97 8.26
N PHE A 284 -4.77 3.72 7.80
CA PHE A 284 -4.12 2.41 7.88
C PHE A 284 -3.18 2.30 9.09
N SER A 285 -3.09 3.38 9.87
CA SER A 285 -2.13 3.44 10.99
C SER A 285 -0.72 3.04 10.57
N GLN A 286 -0.31 3.55 9.42
CA GLN A 286 1.02 3.28 8.87
C GLN A 286 1.75 4.62 8.77
N MET A 287 2.61 4.92 9.71
CA MET A 287 3.31 6.20 9.64
C MET A 287 4.10 6.32 8.35
N ILE A 288 4.90 5.31 8.03
CA ILE A 288 5.66 5.25 6.80
C ILE A 288 4.85 4.42 5.83
N CYS A 289 4.36 5.01 4.75
CA CYS A 289 3.39 4.33 3.92
C CYS A 289 3.51 4.78 2.48
N GLY A 290 3.52 3.83 1.57
CA GLY A 290 3.40 4.10 0.15
C GLY A 290 1.98 3.88 -0.33
N PHE A 291 1.54 4.66 -1.32
CA PHE A 291 0.24 4.46 -1.93
C PHE A 291 0.29 5.03 -3.32
N ASP A 292 -0.64 4.61 -4.15
CA ASP A 292 -0.74 5.08 -5.52
C ASP A 292 -1.97 5.90 -5.72
N LEU A 293 -1.79 6.99 -6.42
CA LEU A 293 -2.85 7.95 -6.68
C LEU A 293 -2.91 8.25 -8.16
N LEU A 294 -4.12 8.47 -8.63
CA LEU A 294 -4.37 8.85 -10.01
C LEU A 294 -4.90 10.27 -10.08
N ARG A 295 -4.30 11.07 -10.97
CA ARG A 295 -4.72 12.44 -11.21
C ARG A 295 -5.57 12.48 -12.48
N VAL A 296 -6.78 12.98 -12.35
CA VAL A 296 -7.75 13.02 -13.44
C VAL A 296 -8.32 14.42 -13.47
N SER A 297 -7.69 15.31 -14.24
CA SER A 297 -8.28 16.61 -14.56
C SER A 297 -8.83 17.29 -13.30
N GLY A 298 -7.93 17.48 -12.34
CA GLY A 298 -8.25 18.20 -11.13
C GLY A 298 -8.76 17.38 -9.97
N LYS A 299 -9.11 16.11 -10.18
CA LYS A 299 -9.51 15.21 -9.11
C LYS A 299 -8.44 14.13 -8.92
N SER A 300 -8.29 13.66 -7.71
CA SER A 300 -7.30 12.62 -7.40
CA SER A 300 -7.30 12.63 -7.37
C SER A 300 -8.01 11.45 -6.72
N TYR A 301 -7.57 10.25 -7.04
CA TYR A 301 -8.19 9.02 -6.53
C TYR A 301 -7.08 8.09 -6.08
N VAL A 302 -7.26 7.48 -4.93
CA VAL A 302 -6.31 6.48 -4.43
C VAL A 302 -6.74 5.13 -4.99
N ILE A 303 -5.78 4.37 -5.53
CA ILE A 303 -6.08 3.08 -6.09
C ILE A 303 -5.41 1.93 -5.35
N ASP A 304 -4.34 2.16 -4.63
CA ASP A 304 -3.62 1.09 -3.95
CA ASP A 304 -3.75 1.08 -3.87
C ASP A 304 -2.94 1.66 -2.73
N VAL A 305 -2.79 0.85 -1.71
CA VAL A 305 -2.04 1.19 -0.51
C VAL A 305 -1.05 0.06 -0.29
N ASN A 306 0.23 0.37 -0.28
CA ASN A 306 1.27 -0.64 -0.25
C ASN A 306 1.93 -0.83 1.10
N GLY A 307 1.68 0.03 2.04
CA GLY A 307 2.28 -0.11 3.35
C GLY A 307 3.71 0.42 3.38
N PHE A 308 4.49 -0.05 4.33
CA PHE A 308 5.81 0.50 4.61
C PHE A 308 6.66 0.59 3.36
N SER A 309 7.10 1.80 3.04
CA SER A 309 7.85 2.04 1.79
C SER A 309 8.67 3.30 1.98
N PHE A 310 9.97 3.17 1.77
CA PHE A 310 10.88 4.32 1.76
C PHE A 310 11.13 4.79 0.32
N VAL A 311 11.49 6.03 0.19
CA VAL A 311 12.10 6.52 -1.05
C VAL A 311 13.57 6.13 -1.02
N LYS A 312 14.09 5.61 -2.13
CA LYS A 312 15.49 5.26 -2.26
C LYS A 312 16.30 6.38 -2.90
N ASP A 313 17.52 6.55 -2.39
CA ASP A 313 18.55 7.37 -3.04
C ASP A 313 18.15 8.85 -3.08
N ASN A 314 17.51 9.34 -2.03
CA ASN A 314 17.17 10.75 -1.94
C ASN A 314 17.62 11.24 -0.57
N LYS A 315 18.68 12.03 -0.56
CA LYS A 315 19.27 12.48 0.68
C LYS A 315 18.34 13.34 1.51
N ALA A 316 17.50 14.15 0.86
CA ALA A 316 16.56 14.97 1.60
C ALA A 316 15.50 14.12 2.29
N TYR A 317 15.00 13.10 1.60
CA TYR A 317 14.08 12.17 2.24
C TYR A 317 14.75 11.49 3.43
N TYR A 318 15.98 11.03 3.25
CA TYR A 318 16.66 10.36 4.36
C TYR A 318 16.76 11.31 5.55
N ASP A 319 17.19 12.56 5.31
CA ASP A 319 17.29 13.53 6.39
C ASP A 319 15.93 13.76 7.06
N SER A 320 14.87 13.95 6.26
CA SER A 320 13.57 14.23 6.83
C SER A 320 13.04 13.03 7.61
N CYS A 321 13.25 11.84 7.09
CA CYS A 321 12.76 10.64 7.79
C CYS A 321 13.44 10.51 9.14
N ALA A 322 14.77 10.68 9.18
CA ALA A 322 15.47 10.63 10.47
C ALA A 322 14.95 11.70 11.41
N ASN A 323 14.76 12.92 10.91
CA ASN A 323 14.32 14.01 11.77
CA ASN A 323 14.33 14.01 11.78
C ASN A 323 12.93 13.78 12.32
N ILE A 324 12.02 13.29 11.48
CA ILE A 324 10.66 13.06 11.94
C ILE A 324 10.61 11.86 12.91
N LEU A 325 11.32 10.77 12.61
CA LEU A 325 11.39 9.66 13.56
C LEU A 325 12.00 10.09 14.87
N ARG A 326 13.06 10.87 14.81
CA ARG A 326 13.67 11.37 16.05
C ARG A 326 12.67 12.13 16.91
N SER A 327 11.93 13.08 16.30
CA SER A 327 10.95 13.86 17.07
CA SER A 327 10.96 13.86 17.07
CA SER A 327 10.96 13.86 17.07
C SER A 327 9.86 12.96 17.61
N THR A 328 9.40 12.00 16.78
CA THR A 328 8.33 11.09 17.20
C THR A 328 8.78 10.26 18.40
N PHE A 329 10.01 9.76 18.37
CA PHE A 329 10.48 8.92 19.48
C PHE A 329 10.75 9.74 20.73
N ILE A 330 11.32 10.92 20.58
CA ILE A 330 11.47 11.80 21.73
C ILE A 330 10.12 12.05 22.40
N GLU A 331 9.08 12.32 21.61
CA GLU A 331 7.77 12.55 22.21
C GLU A 331 7.24 11.28 22.84
N ALA A 332 7.47 10.13 22.19
CA ALA A 332 6.99 8.87 22.74
C ALA A 332 7.66 8.60 24.09
N LYS A 333 8.95 8.90 24.19
CA LYS A 333 9.66 8.71 25.45
C LYS A 333 9.13 9.65 26.53
N LYS A 334 8.88 10.91 26.19
CA LYS A 334 8.29 11.86 27.13
C LYS A 334 6.99 11.31 27.69
N LYS A 335 6.12 10.80 26.83
CA LYS A 335 4.86 10.25 27.34
C LYS A 335 5.11 9.11 28.32
N MET A 336 6.11 8.27 28.05
CA MET A 336 6.38 7.20 29.00
C MET A 336 7.19 7.70 30.19
N ASP A 337 8.17 8.55 29.94
CA ASP A 337 9.11 9.04 30.96
C ASP A 337 9.00 10.53 31.13
#